data_3S98
#
_entry.id   3S98
#
_cell.length_a   47.090
_cell.length_b   86.180
_cell.length_c   91.340
_cell.angle_alpha   90.00
_cell.angle_beta   90.00
_cell.angle_gamma   90.00
#
_symmetry.space_group_name_H-M   'P 21 21 21'
#
loop_
_entity.id
_entity.type
_entity.pdbx_description
1 polymer 'Interferon alpha/beta receptor 1'
2 non-polymer 2-acetamido-2-deoxy-beta-D-glucopyranose
3 water water
#
_entity_poly.entity_id   1
_entity_poly.type   'polypeptide(L)'
_entity_poly.pdbx_seq_one_letter_code
;ADPLKSPQKVEVDIIDDNFILRWNRSDESVGNVTFSFDYQKTG(MSE)DNWIKLSGCQNITSTKCNFSSLKLNVYEEIKL
RIRAEKENTSSWYEVDSFTPFRKAQIGPPEVHLEAEDKAIVIHISPGTKDSV(MSE)WALDGLSFTYSLVIWKNSSGVEE
RIENIYSRHKIYKLSPETTYCLKVKAALLTSWKIGVYSPVHCIKTTVENELPPPENIEVSVQNQNYVLKWDYTYAN
(MSE)TFQVQWLHAFLKRNPGNHLYKWKQIPDCENVKTTQCVFPQNVFQKGIYLLRVQASDGNNTSFWSEEIKFDTEIQA
FL
;
_entity_poly.pdbx_strand_id   A
#
# COMPACT_ATOMS: atom_id res chain seq x y z
N GLN A 8 -24.15 -18.78 27.30
CA GLN A 8 -23.34 -17.68 26.84
C GLN A 8 -21.89 -18.03 26.75
N LYS A 9 -21.23 -17.63 25.69
CA LYS A 9 -19.81 -17.88 25.57
C LYS A 9 -19.15 -16.80 24.75
N VAL A 10 -17.84 -16.78 24.83
CA VAL A 10 -17.02 -15.76 24.23
C VAL A 10 -15.87 -16.37 23.43
N GLU A 11 -15.54 -15.70 22.35
CA GLU A 11 -14.34 -15.99 21.59
C GLU A 11 -13.56 -14.69 21.52
N VAL A 12 -12.30 -14.78 21.12
CA VAL A 12 -11.50 -13.58 20.98
C VAL A 12 -10.81 -13.59 19.63
N ASP A 13 -10.84 -12.44 18.97
CA ASP A 13 -10.12 -12.28 17.72
C ASP A 13 -8.94 -11.40 18.03
N ILE A 14 -7.97 -11.38 17.12
CA ILE A 14 -6.83 -10.50 17.29
C ILE A 14 -6.62 -9.73 15.99
N ILE A 15 -6.50 -8.41 16.11
CA ILE A 15 -6.04 -7.60 14.99
C ILE A 15 -4.81 -6.87 15.47
N ASP A 16 -3.68 -7.05 14.76
CA ASP A 16 -2.41 -6.50 15.20
C ASP A 16 -2.17 -6.78 16.70
N ASP A 17 -2.04 -5.74 17.51
CA ASP A 17 -1.71 -5.92 18.93
C ASP A 17 -2.95 -5.90 19.84
N ASN A 18 -4.13 -6.10 19.34
CA ASN A 18 -5.32 -6.05 20.17
C ASN A 18 -6.11 -7.32 20.25
N PHE A 19 -6.52 -7.69 21.47
CA PHE A 19 -7.51 -8.72 21.69
C PHE A 19 -8.87 -8.05 21.48
N ILE A 20 -9.77 -8.68 20.79
CA ILE A 20 -11.10 -8.15 20.59
C ILE A 20 -12.19 -9.19 20.90
N LEU A 21 -13.01 -8.91 21.90
CA LEU A 21 -14.05 -9.81 22.33
C LEU A 21 -15.21 -9.98 21.40
N ARG A 22 -15.59 -11.20 21.14
CA ARG A 22 -16.75 -11.45 20.38
C ARG A 22 -17.71 -12.30 21.21
N TRP A 23 -18.87 -11.76 21.49
CA TRP A 23 -19.92 -12.52 22.15
C TRP A 23 -20.83 -13.22 21.13
N ASN A 32 -25.16 -2.72 31.89
CA ASN A 32 -24.13 -1.79 32.37
C ASN A 32 -22.82 -2.53 32.70
N VAL A 33 -22.08 -2.91 31.66
CA VAL A 33 -21.03 -3.91 31.83
C VAL A 33 -19.59 -3.44 31.56
N THR A 34 -18.65 -3.91 32.40
CA THR A 34 -17.23 -3.68 32.16
C THR A 34 -16.51 -5.02 31.92
N PHE A 35 -15.32 -4.98 31.33
CA PHE A 35 -14.57 -6.20 31.05
C PHE A 35 -13.17 -6.19 31.66
N SER A 36 -12.74 -7.34 32.17
CA SER A 36 -11.39 -7.50 32.68
C SER A 36 -10.74 -8.74 32.07
N PHE A 37 -9.51 -8.60 31.60
CA PHE A 37 -8.84 -9.72 30.95
C PHE A 37 -7.76 -10.33 31.85
N ASP A 38 -7.73 -11.67 31.92
CA ASP A 38 -6.61 -12.40 32.54
C ASP A 38 -6.04 -13.32 31.46
N TYR A 39 -4.79 -13.75 31.64
CA TYR A 39 -4.28 -14.83 30.80
C TYR A 39 -3.45 -15.79 31.64
N GLN A 40 -3.16 -16.92 31.05
CA GLN A 40 -2.24 -17.88 31.59
C GLN A 40 -1.55 -18.62 30.45
N LYS A 41 -0.31 -19.05 30.63
CA LYS A 41 0.29 -19.94 29.63
C LYS A 41 -0.37 -21.31 29.76
N THR A 42 -0.61 -21.98 28.64
CA THR A 42 -1.37 -23.23 28.73
C THR A 42 -0.60 -24.23 29.60
N GLY A 43 -1.33 -25.02 30.38
CA GLY A 43 -0.72 -25.94 31.33
C GLY A 43 -0.29 -25.24 32.60
N ASP A 45 -1.67 -23.24 36.45
CA ASP A 45 -2.68 -23.25 37.50
C ASP A 45 -3.54 -21.98 37.45
N ASN A 46 -2.96 -20.85 37.77
CA ASN A 46 -3.64 -19.62 37.99
C ASN A 46 -3.73 -18.65 36.85
N TRP A 47 -4.43 -17.56 37.09
CA TRP A 47 -4.64 -16.52 36.11
C TRP A 47 -3.86 -15.28 36.48
N ILE A 48 -3.39 -14.59 35.45
CA ILE A 48 -2.63 -13.36 35.60
C ILE A 48 -3.38 -12.22 34.96
N LYS A 49 -3.55 -11.11 35.68
CA LYS A 49 -4.25 -9.95 35.13
C LYS A 49 -3.44 -9.28 34.03
N LEU A 50 -4.12 -8.88 32.96
CA LEU A 50 -3.51 -8.08 31.91
C LEU A 50 -3.60 -6.61 32.30
N SER A 51 -2.44 -5.98 32.47
N SER A 51 -2.44 -5.97 32.45
CA SER A 51 -2.38 -4.59 32.92
CA SER A 51 -2.36 -4.59 32.89
C SER A 51 -3.00 -3.63 31.92
C SER A 51 -3.03 -3.65 31.90
N GLY A 52 -3.83 -2.73 32.41
CA GLY A 52 -4.49 -1.73 31.58
C GLY A 52 -5.70 -2.30 30.89
N CYS A 53 -6.07 -3.53 31.24
CA CYS A 53 -7.23 -4.17 30.66
C CYS A 53 -8.18 -4.63 31.75
N GLN A 54 -8.28 -3.84 32.80
CA GLN A 54 -9.12 -4.16 33.96
C GLN A 54 -10.23 -3.12 34.10
N ASN A 55 -11.44 -3.58 34.28
CA ASN A 55 -12.60 -2.71 34.40
C ASN A 55 -12.74 -1.74 33.25
N ILE A 56 -12.63 -2.22 32.02
CA ILE A 56 -12.81 -1.35 30.86
C ILE A 56 -14.20 -1.52 30.23
N THR A 57 -14.68 -0.47 29.58
CA THR A 57 -15.95 -0.55 28.86
C THR A 57 -15.72 -1.13 27.48
N SER A 58 -14.53 -0.94 26.96
CA SER A 58 -14.19 -1.41 25.65
C SER A 58 -14.03 -2.89 25.60
N THR A 59 -14.36 -3.47 24.47
CA THR A 59 -14.15 -4.88 24.26
C THR A 59 -12.75 -5.18 23.70
N LYS A 60 -11.93 -4.16 23.59
CA LYS A 60 -10.58 -4.27 23.07
C LYS A 60 -9.50 -4.14 24.12
N CYS A 61 -8.56 -5.04 24.11
CA CYS A 61 -7.46 -4.98 25.07
C CYS A 61 -6.15 -4.97 24.33
N ASN A 62 -5.39 -3.90 24.41
CA ASN A 62 -4.10 -3.85 23.75
C ASN A 62 -3.03 -4.56 24.55
N PHE A 63 -2.43 -5.60 24.01
CA PHE A 63 -1.50 -6.33 24.80
C PHE A 63 -0.02 -6.18 24.52
N SER A 64 0.38 -5.07 24.01
CA SER A 64 1.79 -4.88 23.89
C SER A 64 2.42 -4.51 25.24
N SER A 65 2.99 -5.48 25.90
CA SER A 65 3.84 -5.21 27.00
C SER A 65 3.76 -6.31 28.00
N ASN A 69 4.76 -12.50 24.03
CA ASN A 69 5.56 -13.46 23.23
C ASN A 69 4.68 -14.32 22.32
N VAL A 70 4.45 -13.82 21.10
CA VAL A 70 3.30 -14.24 20.30
C VAL A 70 3.31 -15.65 19.69
N TYR A 71 4.38 -16.41 19.92
CA TYR A 71 4.40 -17.80 19.46
C TYR A 71 4.16 -18.80 20.59
N GLU A 72 3.91 -18.28 21.79
CA GLU A 72 3.57 -19.13 22.95
C GLU A 72 2.06 -19.32 23.07
N GLU A 73 1.64 -20.54 23.40
CA GLU A 73 0.24 -20.83 23.54
C GLU A 73 -0.26 -20.24 24.86
N ILE A 74 -1.45 -19.66 24.84
CA ILE A 74 -2.06 -19.09 26.04
C ILE A 74 -3.57 -19.25 26.03
N LYS A 75 -4.20 -19.03 27.18
CA LYS A 75 -5.65 -18.90 27.25
C LYS A 75 -5.98 -17.53 27.84
N LEU A 76 -7.19 -17.04 27.59
CA LEU A 76 -7.65 -15.84 28.25
C LEU A 76 -8.85 -16.19 29.12
N ARG A 77 -9.07 -15.38 30.13
CA ARG A 77 -10.27 -15.41 30.94
C ARG A 77 -10.82 -14.05 30.92
N ILE A 78 -12.09 -13.91 30.59
CA ILE A 78 -12.71 -12.64 30.54
C ILE A 78 -13.72 -12.54 31.69
N ARG A 79 -13.57 -11.55 32.52
CA ARG A 79 -14.47 -11.35 33.62
C ARG A 79 -15.41 -10.22 33.26
N ALA A 80 -16.67 -10.55 33.09
CA ALA A 80 -17.70 -9.60 32.69
C ALA A 80 -18.46 -9.16 33.93
N GLU A 81 -18.36 -7.88 34.27
CA GLU A 81 -18.86 -7.40 35.54
C GLU A 81 -19.96 -6.35 35.40
N LYS A 82 -20.89 -6.36 36.33
CA LYS A 82 -21.93 -5.35 36.42
C LYS A 82 -21.92 -4.81 37.85
N GLU A 83 -22.94 -4.05 38.22
CA GLU A 83 -23.04 -3.52 39.58
C GLU A 83 -22.97 -4.60 40.65
N ASN A 84 -23.73 -5.66 40.48
CA ASN A 84 -23.80 -6.63 41.52
C ASN A 84 -23.59 -8.06 41.14
N THR A 85 -23.19 -8.30 39.93
CA THR A 85 -22.99 -9.63 39.48
C THR A 85 -21.89 -9.72 38.41
N SER A 86 -21.37 -10.90 38.21
CA SER A 86 -20.35 -11.08 37.18
C SER A 86 -20.24 -12.54 36.80
N SER A 87 -19.65 -12.81 35.64
CA SER A 87 -19.41 -14.18 35.23
C SER A 87 -18.03 -14.21 34.56
N TRP A 88 -17.33 -15.32 34.68
CA TRP A 88 -15.98 -15.43 34.19
C TRP A 88 -15.92 -16.45 33.07
N TYR A 89 -15.57 -16.01 31.88
CA TYR A 89 -15.54 -16.91 30.74
C TYR A 89 -14.11 -17.18 30.31
N GLU A 90 -13.80 -18.44 30.07
CA GLU A 90 -12.50 -18.83 29.56
C GLU A 90 -12.58 -18.99 28.05
N VAL A 91 -11.47 -18.73 27.37
CA VAL A 91 -11.37 -18.90 25.92
C VAL A 91 -10.45 -20.08 25.64
N ASP A 92 -10.73 -20.85 24.59
CA ASP A 92 -9.84 -21.95 24.22
C ASP A 92 -8.41 -21.52 23.94
N SER A 93 -7.46 -22.40 24.22
N SER A 93 -7.46 -22.40 24.21
CA SER A 93 -6.04 -22.14 23.96
CA SER A 93 -6.05 -22.13 23.97
C SER A 93 -5.78 -21.67 22.54
C SER A 93 -5.78 -21.66 22.54
N PHE A 94 -4.91 -20.68 22.38
CA PHE A 94 -4.48 -20.13 21.10
C PHE A 94 -3.08 -19.63 21.12
N THR A 95 -2.49 -19.47 19.95
CA THR A 95 -1.23 -18.80 19.84
C THR A 95 -1.53 -17.48 19.17
N PRO A 96 -1.08 -16.42 19.75
CA PRO A 96 -1.47 -15.10 19.30
C PRO A 96 -1.07 -14.82 17.85
N PHE A 97 0.13 -15.18 17.47
CA PHE A 97 0.52 -14.97 16.09
C PHE A 97 -0.39 -15.72 15.11
N ARG A 98 -0.64 -17.00 15.37
CA ARG A 98 -1.50 -17.78 14.48
C ARG A 98 -2.91 -17.22 14.35
N LYS A 99 -3.41 -16.64 15.43
CA LYS A 99 -4.77 -16.12 15.43
C LYS A 99 -4.84 -14.73 14.83
N ALA A 100 -3.74 -13.98 14.96
CA ALA A 100 -3.75 -12.57 14.60
C ALA A 100 -4.18 -12.34 13.15
N GLN A 101 -4.90 -11.27 12.92
CA GLN A 101 -5.25 -10.76 11.62
C GLN A 101 -4.45 -9.49 11.40
N ILE A 102 -4.03 -9.22 10.17
CA ILE A 102 -3.36 -7.95 9.88
C ILE A 102 -4.36 -6.80 9.79
N GLY A 103 -4.11 -5.72 10.53
CA GLY A 103 -5.02 -4.58 10.53
C GLY A 103 -5.01 -3.79 9.22
N PRO A 104 -5.98 -2.88 9.05
CA PRO A 104 -6.11 -2.04 7.86
C PRO A 104 -4.94 -1.07 7.70
N PRO A 105 -4.33 -1.01 6.50
CA PRO A 105 -3.22 -0.07 6.37
C PRO A 105 -3.72 1.36 6.29
N GLU A 106 -2.81 2.31 6.50
CA GLU A 106 -3.11 3.73 6.37
C GLU A 106 -2.91 4.10 4.89
N VAL A 107 -3.86 4.83 4.30
CA VAL A 107 -3.81 5.11 2.87
C VAL A 107 -4.00 6.60 2.61
N HIS A 108 -3.19 7.18 1.75
CA HIS A 108 -3.35 8.51 1.24
CA HIS A 108 -3.34 8.51 1.25
C HIS A 108 -3.30 8.58 -0.29
N LEU A 109 -4.19 9.33 -0.90
CA LEU A 109 -4.30 9.34 -2.35
C LEU A 109 -3.96 10.71 -2.91
N GLU A 110 -3.39 10.73 -4.11
CA GLU A 110 -3.21 11.96 -4.85
C GLU A 110 -3.59 11.73 -6.31
N ALA A 111 -4.01 12.74 -6.99
CA ALA A 111 -4.47 12.52 -8.31
C ALA A 111 -4.02 13.51 -9.34
N GLU A 112 -3.84 13.00 -10.53
CA GLU A 112 -3.58 13.73 -11.73
C GLU A 112 -4.90 13.70 -12.49
N ASP A 113 -4.87 14.07 -13.76
CA ASP A 113 -5.98 13.95 -14.64
C ASP A 113 -6.36 12.57 -15.05
N LYS A 114 -5.37 11.72 -15.26
CA LYS A 114 -5.61 10.37 -15.77
C LYS A 114 -4.87 9.30 -14.99
N ALA A 115 -4.43 9.65 -13.78
CA ALA A 115 -3.73 8.68 -12.92
C ALA A 115 -3.98 8.98 -11.44
N ILE A 116 -3.88 7.95 -10.61
CA ILE A 116 -3.93 8.12 -9.15
C ILE A 116 -2.70 7.48 -8.51
N VAL A 117 -2.15 8.14 -7.49
CA VAL A 117 -1.03 7.58 -6.74
C VAL A 117 -1.51 7.18 -5.35
N ILE A 118 -1.19 5.96 -4.95
CA ILE A 118 -1.63 5.44 -3.65
C ILE A 118 -0.47 5.27 -2.70
N HIS A 119 -0.48 6.07 -1.63
CA HIS A 119 0.53 5.96 -0.57
C HIS A 119 -0.02 5.07 0.56
N ILE A 120 0.75 4.05 0.92
CA ILE A 120 0.30 3.01 1.85
C ILE A 120 1.33 2.78 2.93
N SER A 121 0.91 2.68 4.18
CA SER A 121 1.83 2.35 5.26
C SER A 121 1.08 1.52 6.30
N PRO A 122 1.80 0.75 7.12
CA PRO A 122 1.12 -0.13 8.08
C PRO A 122 0.18 0.65 8.99
N GLY A 123 -0.95 0.03 9.33
CA GLY A 123 -1.92 0.63 10.21
C GLY A 123 -1.48 0.52 11.66
N SER A 127 5.34 -2.11 16.22
CA SER A 127 4.23 -3.00 16.51
C SER A 127 4.70 -4.44 16.77
N VAL A 128 4.05 -5.08 17.74
CA VAL A 128 4.58 -6.31 18.36
C VAL A 128 4.30 -7.59 17.57
N TRP A 130 4.01 -8.18 14.53
CA TRP A 130 4.69 -8.34 13.23
C TRP A 130 6.18 -8.03 13.28
N SER A 136 7.60 -9.58 5.50
CA SER A 136 7.12 -8.26 5.10
C SER A 136 5.89 -8.28 4.26
N PHE A 137 5.16 -7.19 4.34
CA PHE A 137 3.83 -7.14 3.85
C PHE A 137 3.75 -7.00 2.36
N THR A 138 2.84 -7.76 1.82
CA THR A 138 2.44 -7.60 0.44
C THR A 138 1.09 -6.88 0.40
N TYR A 139 0.92 -5.95 -0.53
CA TYR A 139 -0.33 -5.21 -0.58
C TYR A 139 -1.14 -5.48 -1.83
N SER A 140 -2.42 -5.24 -1.71
CA SER A 140 -3.40 -5.38 -2.76
C SER A 140 -4.53 -4.37 -2.57
N LEU A 141 -5.26 -4.07 -3.61
CA LEU A 141 -6.31 -3.10 -3.53
C LEU A 141 -7.47 -3.43 -4.41
N VAL A 142 -8.56 -2.74 -4.19
CA VAL A 142 -9.71 -2.88 -4.98
C VAL A 142 -10.12 -1.51 -5.36
N ILE A 143 -10.41 -1.28 -6.63
CA ILE A 143 -10.77 0.04 -7.06
C ILE A 143 -12.00 -0.03 -7.95
N TRP A 144 -12.74 1.04 -7.96
CA TRP A 144 -13.92 1.15 -8.75
C TRP A 144 -14.27 2.57 -8.96
N LYS A 145 -14.94 2.83 -10.05
CA LYS A 145 -15.44 4.13 -10.33
C LYS A 145 -16.68 4.29 -9.48
N ASN A 146 -16.90 5.44 -8.90
CA ASN A 146 -18.03 5.56 -8.03
C ASN A 146 -19.32 5.34 -8.78
N SER A 147 -19.39 5.85 -9.98
CA SER A 147 -20.57 5.71 -10.79
C SER A 147 -20.96 4.30 -11.16
N SER A 148 -19.98 3.46 -11.46
CA SER A 148 -20.20 2.11 -11.94
C SER A 148 -20.11 1.02 -10.93
N GLY A 149 -19.26 1.15 -9.94
CA GLY A 149 -19.19 0.12 -8.94
C GLY A 149 -18.56 -1.14 -9.46
N VAL A 150 -17.99 -1.11 -10.65
CA VAL A 150 -17.32 -2.29 -11.13
C VAL A 150 -15.94 -2.33 -10.53
N GLU A 151 -15.66 -3.36 -9.79
CA GLU A 151 -14.43 -3.47 -9.10
C GLU A 151 -13.33 -4.14 -9.89
N GLU A 152 -12.14 -3.56 -9.86
CA GLU A 152 -10.99 -4.18 -10.45
C GLU A 152 -10.05 -4.46 -9.32
N ARG A 153 -9.54 -5.65 -9.24
CA ARG A 153 -8.61 -6.01 -8.20
C ARG A 153 -7.16 -5.96 -8.69
N ILE A 154 -6.31 -5.28 -7.97
CA ILE A 154 -4.91 -5.21 -8.31
C ILE A 154 -4.08 -5.83 -7.22
N GLU A 155 -3.23 -6.77 -7.59
CA GLU A 155 -2.40 -7.51 -6.67
C GLU A 155 -0.96 -7.11 -6.55
N ASN A 156 -0.35 -7.43 -5.44
CA ASN A 156 1.05 -7.21 -5.24
C ASN A 156 1.51 -5.80 -5.55
N ILE A 157 0.85 -4.83 -4.99
CA ILE A 157 1.23 -3.48 -5.21
C ILE A 157 2.10 -2.98 -4.14
N TYR A 158 2.85 -1.96 -4.42
CA TYR A 158 3.69 -1.41 -3.42
C TYR A 158 3.18 -0.09 -2.93
N SER A 159 3.85 0.39 -1.93
CA SER A 159 3.41 1.43 -1.08
C SER A 159 3.45 2.82 -1.57
N ARG A 160 3.62 2.98 -2.90
CA ARG A 160 3.41 4.21 -3.69
C ARG A 160 2.91 3.91 -5.11
N HIS A 161 2.00 3.01 -5.27
CA HIS A 161 1.55 2.55 -6.53
C HIS A 161 0.86 3.59 -7.36
N LYS A 162 1.03 3.51 -8.66
CA LYS A 162 0.36 4.47 -9.57
C LYS A 162 -0.52 3.71 -10.56
N ILE A 163 -1.76 4.16 -10.69
CA ILE A 163 -2.74 3.55 -11.58
C ILE A 163 -2.97 4.53 -12.69
N TYR A 164 -2.78 4.09 -13.94
CA TYR A 164 -2.93 4.97 -15.09
C TYR A 164 -4.23 4.70 -15.87
N LYS A 165 -4.41 5.40 -16.99
CA LYS A 165 -5.53 5.14 -17.91
C LYS A 165 -6.89 5.46 -17.30
N LEU A 166 -6.93 6.50 -16.47
CA LEU A 166 -8.19 6.89 -15.83
C LEU A 166 -8.78 8.06 -16.59
N SER A 167 -10.05 8.39 -16.31
CA SER A 167 -10.70 9.51 -16.97
C SER A 167 -10.60 10.76 -16.11
N PRO A 168 -10.42 11.92 -16.76
CA PRO A 168 -10.39 13.18 -16.01
C PRO A 168 -11.73 13.47 -15.30
N GLU A 169 -11.71 14.39 -14.33
CA GLU A 169 -12.90 14.74 -13.54
C GLU A 169 -13.82 13.56 -13.20
N THR A 170 -13.21 12.46 -12.79
CA THR A 170 -13.97 11.28 -12.41
C THR A 170 -13.57 10.84 -11.01
N THR A 171 -14.57 10.52 -10.18
CA THR A 171 -14.31 10.11 -8.81
C THR A 171 -14.05 8.62 -8.72
N TYR A 172 -12.85 8.23 -8.29
CA TYR A 172 -12.59 6.81 -8.06
C TYR A 172 -12.53 6.53 -6.57
N CYS A 173 -12.90 5.32 -6.18
N CYS A 173 -12.87 5.31 -6.19
CA CYS A 173 -12.84 4.91 -4.78
CA CYS A 173 -12.86 4.88 -4.81
C CYS A 173 -12.12 3.58 -4.66
C CYS A 173 -12.06 3.60 -4.71
N LEU A 174 -11.37 3.40 -3.58
CA LEU A 174 -10.57 2.20 -3.41
C LEU A 174 -10.32 1.84 -1.96
N LYS A 175 -9.94 0.59 -1.76
CA LYS A 175 -9.56 0.11 -0.44
C LYS A 175 -8.37 -0.79 -0.61
N VAL A 176 -7.56 -0.86 0.44
CA VAL A 176 -6.26 -1.52 0.35
C VAL A 176 -6.16 -2.50 1.50
N LYS A 177 -5.56 -3.65 1.25
CA LYS A 177 -5.26 -4.61 2.32
C LYS A 177 -3.81 -5.05 2.29
N ALA A 178 -3.31 -5.46 3.46
CA ALA A 178 -1.99 -6.03 3.60
C ALA A 178 -2.11 -7.54 3.64
N ALA A 179 -1.02 -8.23 3.38
CA ALA A 179 -1.00 -9.68 3.40
C ALA A 179 0.36 -10.19 3.82
N LEU A 180 0.39 -11.43 4.30
CA LEU A 180 1.64 -12.12 4.63
C LEU A 180 1.56 -13.52 4.05
N LEU A 181 1.83 -13.63 2.75
CA LEU A 181 1.59 -14.87 2.02
C LEU A 181 2.40 -16.04 2.56
N THR A 182 3.55 -15.73 3.15
CA THR A 182 4.37 -16.75 3.79
C THR A 182 3.60 -17.40 4.93
N SER A 183 2.94 -16.60 5.76
CA SER A 183 2.22 -17.10 6.89
C SER A 183 0.74 -17.24 6.63
N TRP A 184 0.38 -17.28 5.37
CA TRP A 184 -1.01 -17.36 4.97
C TRP A 184 -2.00 -16.42 5.64
N LYS A 185 -1.63 -15.18 5.85
CA LYS A 185 -2.62 -14.24 6.35
C LYS A 185 -3.04 -13.29 5.27
N ILE A 186 -4.34 -13.11 5.19
CA ILE A 186 -4.96 -12.11 4.39
C ILE A 186 -5.50 -11.08 5.39
N GLY A 187 -5.21 -9.82 5.17
CA GLY A 187 -5.58 -8.72 6.04
C GLY A 187 -6.92 -8.09 5.86
N VAL A 188 -7.21 -7.17 6.74
CA VAL A 188 -8.40 -6.36 6.71
C VAL A 188 -8.26 -5.14 5.83
N TYR A 189 -9.30 -4.81 5.12
CA TYR A 189 -9.28 -3.66 4.22
C TYR A 189 -9.29 -2.36 5.00
N SER A 190 -8.48 -1.42 4.55
CA SER A 190 -8.59 -0.03 4.97
C SER A 190 -10.01 0.48 4.72
N PRO A 191 -10.38 1.58 5.39
CA PRO A 191 -11.58 2.35 5.07
C PRO A 191 -11.53 2.69 3.59
N VAL A 192 -12.69 2.97 3.00
CA VAL A 192 -12.68 3.39 1.60
C VAL A 192 -12.21 4.83 1.49
N HIS A 193 -11.35 5.10 0.51
CA HIS A 193 -10.97 6.46 0.20
C HIS A 193 -11.29 6.75 -1.26
N CYS A 194 -11.73 7.97 -1.54
CA CYS A 194 -12.15 8.35 -2.87
C CYS A 194 -11.39 9.59 -3.26
N ILE A 195 -11.17 9.76 -4.55
CA ILE A 195 -10.58 10.98 -5.03
C ILE A 195 -11.09 11.24 -6.43
N LYS A 196 -11.24 12.51 -6.76
CA LYS A 196 -11.63 12.90 -8.11
C LYS A 196 -10.42 13.36 -8.91
N THR A 197 -10.16 12.67 -10.02
CA THR A 197 -9.13 13.09 -10.95
C THR A 197 -9.37 14.54 -11.41
N THR A 198 -8.30 15.28 -11.70
CA THR A 198 -8.38 16.70 -12.02
C THR A 198 -8.88 16.95 -13.44
N VAL A 199 -9.04 18.22 -13.81
CA VAL A 199 -9.35 18.56 -15.20
C VAL A 199 -8.18 18.16 -16.12
N GLU A 200 -8.53 17.69 -17.32
CA GLU A 200 -7.55 17.24 -18.31
C GLU A 200 -6.39 18.23 -18.49
N ASN A 201 -5.16 17.72 -18.44
CA ASN A 201 -4.00 18.54 -18.77
C ASN A 201 -3.96 18.71 -20.29
N GLU A 202 -3.84 19.93 -20.74
CA GLU A 202 -3.87 20.19 -22.16
C GLU A 202 -2.72 19.47 -22.88
N LEU A 203 -1.58 19.33 -22.23
CA LEU A 203 -0.49 18.53 -22.71
C LEU A 203 -0.54 17.14 -22.13
N PRO A 204 -0.80 16.15 -22.94
CA PRO A 204 -0.82 14.77 -22.48
C PRO A 204 0.57 14.20 -22.26
N PRO A 205 0.69 13.07 -21.60
CA PRO A 205 2.02 12.48 -21.41
C PRO A 205 2.59 11.88 -22.69
N PRO A 206 3.90 11.77 -22.78
CA PRO A 206 4.50 11.05 -23.88
C PRO A 206 4.07 9.61 -23.78
N GLU A 207 4.01 8.96 -24.92
CA GLU A 207 3.51 7.63 -25.08
C GLU A 207 4.41 6.73 -25.91
N ASN A 208 4.19 5.44 -25.79
CA ASN A 208 4.89 4.43 -26.55
C ASN A 208 6.39 4.53 -26.45
N ILE A 209 6.94 4.60 -25.25
CA ILE A 209 8.39 4.78 -25.10
C ILE A 209 9.10 3.48 -25.45
N GLU A 210 10.14 3.55 -26.27
CA GLU A 210 10.87 2.34 -26.67
C GLU A 210 12.38 2.58 -26.73
N VAL A 211 13.14 1.57 -26.29
CA VAL A 211 14.59 1.63 -26.37
C VAL A 211 15.12 0.65 -27.43
N SER A 212 16.20 1.05 -28.09
CA SER A 212 16.85 0.20 -29.08
C SER A 212 18.31 0.58 -29.05
N VAL A 213 19.16 -0.16 -29.75
CA VAL A 213 20.57 0.23 -29.82
C VAL A 213 21.02 0.47 -31.25
N GLN A 214 21.86 1.47 -31.41
CA GLN A 214 22.52 1.75 -32.64
C GLN A 214 23.91 2.11 -32.26
N ASN A 215 24.87 1.42 -32.90
CA ASN A 215 26.29 1.60 -32.62
C ASN A 215 26.59 1.34 -31.17
N GLN A 216 27.26 2.24 -30.53
CA GLN A 216 27.59 2.07 -29.15
C GLN A 216 26.60 2.86 -28.29
N ASN A 217 25.48 3.20 -28.87
CA ASN A 217 24.48 4.05 -28.26
C ASN A 217 23.16 3.39 -28.04
N TYR A 218 22.37 3.97 -27.14
CA TYR A 218 20.97 3.61 -26.97
C TYR A 218 20.14 4.68 -27.67
N VAL A 219 19.00 4.28 -28.20
CA VAL A 219 18.10 5.21 -28.85
C VAL A 219 16.77 5.12 -28.15
N LEU A 220 16.38 6.20 -27.48
CA LEU A 220 15.09 6.24 -26.83
C LEU A 220 14.11 6.97 -27.73
N LYS A 221 12.98 6.34 -28.02
CA LYS A 221 11.98 6.95 -28.92
C LYS A 221 10.64 6.97 -28.23
N TRP A 222 9.81 7.94 -28.55
CA TRP A 222 8.42 7.95 -28.05
C TRP A 222 7.51 8.68 -29.04
N ASP A 223 6.21 8.61 -28.82
CA ASP A 223 5.28 9.38 -29.65
C ASP A 223 4.74 10.58 -28.90
N TYR A 224 4.44 11.67 -29.58
CA TYR A 224 3.77 12.80 -28.95
C TYR A 224 2.70 13.46 -29.80
N THR A 225 1.62 13.87 -29.18
CA THR A 225 0.47 14.35 -29.90
C THR A 225 0.63 15.73 -30.57
N TYR A 226 1.47 16.57 -30.01
CA TYR A 226 1.70 17.89 -30.52
C TYR A 226 3.11 18.10 -31.08
N ALA A 227 3.26 18.92 -32.10
CA ALA A 227 4.58 19.28 -32.60
C ALA A 227 5.16 20.44 -31.80
N ASN A 228 6.44 20.72 -32.03
CA ASN A 228 7.11 21.87 -31.42
C ASN A 228 7.07 21.84 -29.89
N THR A 230 9.27 20.33 -26.28
CA THR A 230 10.55 19.79 -25.84
C THR A 230 10.29 18.75 -24.75
N PHE A 231 11.31 17.96 -24.43
CA PHE A 231 11.12 16.84 -23.50
C PHE A 231 12.30 16.70 -22.56
N GLN A 232 12.13 15.98 -21.47
CA GLN A 232 13.19 15.57 -20.61
C GLN A 232 12.99 14.11 -20.24
N VAL A 233 14.08 13.41 -20.02
CA VAL A 233 14.00 11.99 -19.68
C VAL A 233 14.70 11.77 -18.36
N GLN A 234 14.08 11.00 -17.48
CA GLN A 234 14.68 10.69 -16.19
C GLN A 234 14.77 9.19 -15.97
N TRP A 235 15.71 8.77 -15.14
CA TRP A 235 15.92 7.35 -14.90
C TRP A 235 16.04 7.09 -13.40
N LEU A 236 15.74 5.86 -13.01
CA LEU A 236 15.85 5.46 -11.62
C LEU A 236 16.28 4.00 -11.58
N HIS A 237 17.03 3.61 -10.58
CA HIS A 237 17.33 2.21 -10.39
C HIS A 237 16.04 1.52 -10.06
N ALA A 238 15.68 0.47 -10.76
CA ALA A 238 14.33 -0.06 -10.59
C ALA A 238 14.04 -0.61 -9.19
N PHE A 239 15.04 -1.18 -8.52
CA PHE A 239 14.75 -1.82 -7.24
C PHE A 239 14.42 -0.81 -6.15
N LEU A 240 14.78 0.42 -6.36
CA LEU A 240 14.53 1.45 -5.41
C LEU A 240 13.04 1.72 -5.21
N LYS A 241 12.23 1.24 -6.12
CA LYS A 241 10.79 1.38 -6.03
C LYS A 241 10.15 0.56 -4.91
N ARG A 242 10.81 -0.47 -4.45
CA ARG A 242 10.19 -1.29 -3.43
C ARG A 242 10.28 -0.76 -2.03
N ASN A 243 9.13 -0.70 -1.40
CA ASN A 243 8.98 -0.25 0.00
C ASN A 243 9.83 0.96 0.38
N PRO A 244 9.67 2.07 -0.36
CA PRO A 244 10.54 3.24 -0.19
C PRO A 244 10.30 3.99 1.12
N TYR A 249 14.19 8.40 -2.92
CA TYR A 249 15.08 8.17 -4.06
C TYR A 249 14.82 9.18 -5.17
N LYS A 250 15.89 9.76 -5.69
CA LYS A 250 15.72 10.82 -6.66
C LYS A 250 15.89 10.32 -8.10
N TRP A 251 14.90 10.62 -8.91
CA TRP A 251 15.00 10.40 -10.33
C TRP A 251 16.11 11.32 -10.85
N LYS A 252 16.84 10.89 -11.84
CA LYS A 252 17.89 11.71 -12.37
C LYS A 252 17.77 11.89 -13.85
N GLN A 253 18.23 13.00 -14.33
CA GLN A 253 18.18 13.29 -15.74
C GLN A 253 19.15 12.47 -16.51
N ILE A 254 18.78 12.10 -17.69
CA ILE A 254 19.81 11.74 -18.66
C ILE A 254 20.21 13.02 -19.40
N PRO A 255 21.45 13.49 -19.19
CA PRO A 255 21.86 14.81 -19.70
C PRO A 255 21.63 14.98 -21.20
N ASP A 256 22.01 13.98 -21.99
CA ASP A 256 21.76 14.00 -23.43
C ASP A 256 20.29 14.16 -23.81
N CYS A 257 19.37 13.83 -22.92
CA CYS A 257 17.96 13.86 -23.28
C CYS A 257 17.34 15.15 -22.80
N GLU A 258 18.13 15.97 -22.13
CA GLU A 258 17.56 17.15 -21.48
C GLU A 258 17.13 18.24 -22.47
N ASN A 259 15.85 18.55 -22.44
CA ASN A 259 15.24 19.53 -23.33
C ASN A 259 15.42 19.24 -24.82
N VAL A 260 15.35 18.00 -25.23
CA VAL A 260 15.41 17.64 -26.61
C VAL A 260 14.22 18.11 -27.34
N LYS A 261 14.41 18.44 -28.61
CA LYS A 261 13.38 19.04 -29.39
C LYS A 261 12.64 18.11 -30.27
N THR A 262 12.99 16.85 -30.25
CA THR A 262 12.29 15.86 -31.03
C THR A 262 11.87 14.68 -30.15
N THR A 263 11.12 13.77 -30.71
CA THR A 263 10.58 12.64 -29.95
C THR A 263 11.57 11.48 -29.87
N GLN A 264 12.81 11.81 -29.63
CA GLN A 264 13.84 10.84 -29.39
C GLN A 264 15.09 11.39 -28.76
N CYS A 265 15.93 10.56 -28.16
CA CYS A 265 17.27 10.98 -27.79
C CYS A 265 18.23 9.80 -27.93
N VAL A 266 19.49 10.13 -28.16
CA VAL A 266 20.52 9.15 -28.36
C VAL A 266 21.57 9.39 -27.30
N PHE A 267 21.96 8.32 -26.60
CA PHE A 267 22.98 8.43 -25.57
C PHE A 267 23.84 7.18 -25.56
N PRO A 268 25.07 7.31 -25.14
CA PRO A 268 25.99 6.21 -25.05
C PRO A 268 25.52 5.11 -24.16
N GLN A 269 25.67 3.88 -24.61
CA GLN A 269 25.39 2.73 -23.81
C GLN A 269 26.11 2.76 -22.51
N ASN A 270 27.28 3.33 -22.51
CA ASN A 270 28.13 3.28 -21.36
C ASN A 270 27.82 4.30 -20.33
N VAL A 271 26.62 4.83 -20.39
CA VAL A 271 26.22 5.78 -19.38
C VAL A 271 25.53 5.06 -18.19
N PHE A 272 25.02 3.89 -18.47
CA PHE A 272 24.43 2.94 -17.59
C PHE A 272 25.27 1.67 -17.42
N GLN A 273 25.44 1.29 -16.29
CA GLN A 273 25.96 -0.01 -15.93
C GLN A 273 24.94 -1.01 -16.31
N LYS A 274 25.34 -2.25 -16.40
CA LYS A 274 24.37 -3.28 -16.67
C LYS A 274 23.41 -3.35 -15.50
N GLY A 275 22.15 -3.57 -15.80
CA GLY A 275 21.16 -3.60 -14.74
C GLY A 275 19.77 -3.29 -15.24
N ILE A 276 18.84 -3.06 -14.31
CA ILE A 276 17.46 -2.85 -14.62
CA ILE A 276 17.45 -2.84 -14.64
C ILE A 276 17.14 -1.43 -14.16
N TYR A 277 16.61 -0.62 -15.05
CA TYR A 277 16.26 0.75 -14.71
C TYR A 277 14.82 1.06 -15.05
N LEU A 278 14.33 2.20 -14.56
CA LEU A 278 13.04 2.74 -14.99
C LEU A 278 13.31 4.07 -15.69
N LEU A 279 12.61 4.32 -16.79
CA LEU A 279 12.71 5.59 -17.52
C LEU A 279 11.35 6.25 -17.55
N ARG A 280 11.33 7.58 -17.56
CA ARG A 280 10.08 8.30 -17.75
C ARG A 280 10.38 9.59 -18.51
N VAL A 281 9.37 10.08 -19.21
CA VAL A 281 9.54 11.24 -20.09
C VAL A 281 8.43 12.23 -19.86
N GLN A 282 8.74 13.50 -19.88
CA GLN A 282 7.80 14.58 -19.69
C GLN A 282 7.87 15.56 -20.87
N ALA A 283 6.74 16.11 -21.27
CA ALA A 283 6.70 17.05 -22.39
C ALA A 283 6.54 18.48 -21.90
N SER A 284 7.00 19.45 -22.69
CA SER A 284 6.76 20.84 -22.36
C SER A 284 6.58 21.68 -23.61
N ASP A 285 5.77 22.71 -23.51
CA ASP A 285 5.65 23.69 -24.60
C ASP A 285 6.43 24.96 -24.28
N GLY A 286 7.29 24.90 -23.26
CA GLY A 286 8.03 26.07 -22.83
C GLY A 286 7.32 26.84 -21.73
N ASN A 287 6.04 26.54 -21.54
CA ASN A 287 5.27 27.21 -20.50
C ASN A 287 4.79 26.24 -19.42
N ASN A 288 4.00 25.28 -19.83
CA ASN A 288 3.53 24.19 -19.04
C ASN A 288 4.22 22.83 -19.32
N THR A 289 3.97 21.84 -18.48
CA THR A 289 4.50 20.50 -18.69
C THR A 289 3.35 19.50 -18.66
N SER A 290 3.49 18.38 -19.36
CA SER A 290 2.56 17.27 -19.22
C SER A 290 2.84 16.61 -17.87
N PHE A 291 1.96 15.72 -17.46
CA PHE A 291 2.34 14.81 -16.37
C PHE A 291 3.35 13.83 -16.94
N TRP A 292 4.01 13.07 -16.06
CA TRP A 292 4.97 12.08 -16.53
C TRP A 292 4.32 10.98 -17.34
N SER A 293 5.06 10.46 -18.31
CA SER A 293 4.66 9.25 -18.99
C SER A 293 4.66 8.15 -17.96
N GLU A 294 4.05 7.02 -18.30
CA GLU A 294 4.21 5.83 -17.48
C GLU A 294 5.69 5.52 -17.32
N GLU A 295 6.04 4.92 -16.18
CA GLU A 295 7.42 4.46 -15.99
C GLU A 295 7.68 3.15 -16.75
N ILE A 296 8.70 3.13 -17.59
N ILE A 296 8.74 3.14 -17.55
CA ILE A 296 8.98 1.94 -18.40
CA ILE A 296 9.05 2.00 -18.40
C ILE A 296 10.27 1.24 -17.97
C ILE A 296 10.29 1.24 -17.94
N LYS A 297 10.22 -0.08 -17.95
CA LYS A 297 11.37 -0.89 -17.60
C LYS A 297 12.45 -0.84 -18.68
N PHE A 298 13.69 -0.68 -18.25
CA PHE A 298 14.82 -0.51 -19.15
C PHE A 298 15.90 -1.48 -18.70
N ASP A 299 15.99 -2.63 -19.38
CA ASP A 299 16.99 -3.65 -19.06
C ASP A 299 18.18 -3.54 -20.01
N THR A 300 19.33 -3.14 -19.48
CA THR A 300 20.54 -3.04 -20.28
C THR A 300 21.19 -4.42 -20.45
#